data_4DJN
#
_entry.id   4DJN
#
_cell.length_a   69.053
_cell.length_b   98.762
_cell.length_c   133.668
_cell.angle_alpha   90.000
_cell.angle_beta   90.000
_cell.angle_gamma   90.000
#
_symmetry.space_group_name_H-M   'P 21 21 21'
#
loop_
_entity.id
_entity.type
_entity.pdbx_description
1 polymer 'Ribonucleoside-diphosphate reductase subunit M2 B'
2 non-polymer 'SULFATE ION'
3 non-polymer 1,2-ETHANEDIOL
4 water water
#
_entity_poly.entity_id   1
_entity_poly.type   'polypeptide(L)'
_entity_poly.pdbx_seq_one_letter_code
;GDQDERSSSDTNESEIKSNEEPLLRKSSRRFVIFPIQYPDIWK(MSE)YKQAQASFWTAEEVDLSKDLPHWNKLKADEKY
FISHILAFFAASDGIVNENLVERFSQEVQVPEARCFYGFQILIENVHSE(MSE)YSLLIDTYIRDPKKREFLFNAIET
(MSE)PYVKKKADWALRWIADRKSTFGERVVAFAAVEGVFFSGSFAAIFWLKKRGL(MSE)PGLTFSNELISRDEGLHCD
FACL(MSE)FQYLVNKPSEERVREIIVDAVKIEQEFLTEALPVGLIG(MSE)NCIL(MSE)KQYIEFVADRLLVELGFSK
VFQAENPFDF(MSE)ENISLEGKTN
;
_entity_poly.pdbx_strand_id   A,B
#
loop_
_chem_comp.id
_chem_comp.type
_chem_comp.name
_chem_comp.formula
EDO non-polymer 1,2-ETHANEDIOL 'C2 H6 O2'
SO4 non-polymer 'SULFATE ION' 'O4 S -2'
#
# COMPACT_ATOMS: atom_id res chain seq x y z
N LYS A 17 -18.14 -20.73 5.26
CA LYS A 17 -17.90 -19.64 4.28
C LYS A 17 -16.39 -19.47 3.98
N SER A 18 -15.75 -18.55 4.70
CA SER A 18 -14.35 -18.23 4.47
C SER A 18 -13.40 -19.26 5.12
N ASN A 19 -13.91 -20.08 6.05
CA ASN A 19 -13.12 -21.16 6.62
C ASN A 19 -12.78 -22.25 5.59
N GLU A 20 -13.59 -22.36 4.55
CA GLU A 20 -13.35 -23.32 3.47
C GLU A 20 -12.29 -22.85 2.48
N GLU A 21 -12.02 -21.55 2.44
CA GLU A 21 -11.19 -20.96 1.41
C GLU A 21 -9.75 -20.75 1.88
N PRO A 22 -8.79 -21.46 1.26
CA PRO A 22 -7.37 -21.23 1.57
C PRO A 22 -6.94 -19.76 1.52
N LEU A 23 -7.50 -18.98 0.59
CA LEU A 23 -7.15 -17.56 0.48
C LEU A 23 -7.60 -16.70 1.67
N LEU A 24 -8.69 -17.07 2.32
CA LEU A 24 -9.33 -16.27 3.36
C LEU A 24 -9.15 -16.83 4.78
N ARG A 25 -8.51 -17.99 4.88
CA ARG A 25 -8.41 -18.74 6.12
C ARG A 25 -7.29 -18.21 6.98
N LYS A 26 -7.58 -17.94 8.25
CA LYS A 26 -6.53 -17.53 9.20
C LYS A 26 -5.29 -18.44 9.24
N SER A 27 -5.47 -19.74 9.03
CA SER A 27 -4.30 -20.64 9.00
C SER A 27 -3.30 -20.38 7.85
N SER A 28 -3.72 -19.67 6.80
CA SER A 28 -2.84 -19.35 5.67
C SER A 28 -1.81 -18.23 5.94
N ARG A 29 -2.01 -17.46 7.02
CA ARG A 29 -0.97 -16.53 7.46
C ARG A 29 0.16 -17.37 8.06
N ARG A 30 1.39 -17.00 7.72
CA ARG A 30 2.59 -17.76 8.06
C ARG A 30 3.55 -16.89 8.84
N PHE A 31 4.35 -17.50 9.70
CA PHE A 31 5.18 -16.73 10.60
C PHE A 31 6.15 -15.87 9.81
N VAL A 32 6.75 -16.49 8.81
CA VAL A 32 7.59 -15.81 7.84
C VAL A 32 7.18 -16.20 6.43
N ILE A 33 7.65 -15.43 5.47
CA ILE A 33 7.25 -15.60 4.09
C ILE A 33 7.94 -16.80 3.40
N PHE A 34 9.25 -16.99 3.61
CA PHE A 34 9.92 -18.11 2.96
C PHE A 34 9.90 -19.33 3.87
N PRO A 35 9.80 -20.55 3.29
CA PRO A 35 9.72 -20.82 1.85
C PRO A 35 8.36 -20.47 1.23
N ILE A 36 8.36 -20.06 -0.04
CA ILE A 36 7.14 -19.67 -0.74
C ILE A 36 6.20 -20.87 -0.90
N GLN A 37 4.93 -20.69 -0.51
CA GLN A 37 3.93 -21.72 -0.66
C GLN A 37 3.11 -21.56 -1.94
N TYR A 38 3.05 -20.35 -2.50
CA TYR A 38 2.27 -20.09 -3.72
C TYR A 38 3.14 -19.40 -4.75
N PRO A 39 3.97 -20.18 -5.46
CA PRO A 39 4.97 -19.58 -6.35
C PRO A 39 4.41 -18.76 -7.52
N ASP A 40 3.22 -19.11 -7.99
CA ASP A 40 2.59 -18.34 -9.07
C ASP A 40 2.07 -16.97 -8.60
N ILE A 41 1.57 -16.89 -7.37
CA ILE A 41 1.17 -15.61 -6.82
C ILE A 41 2.41 -14.73 -6.57
N TRP A 42 3.46 -15.34 -6.04
CA TRP A 42 4.72 -14.63 -5.74
C TRP A 42 5.36 -14.09 -6.99
N LYS A 43 5.32 -14.87 -8.06
CA LYS A 43 5.88 -14.44 -9.33
C LYS A 43 5.19 -13.17 -9.85
N MSE A 44 3.89 -13.08 -9.66
CA MSE A 44 3.15 -11.88 -10.05
C MSE A 44 3.51 -10.67 -9.21
O MSE A 44 3.61 -9.57 -9.75
CB MSE A 44 1.66 -12.15 -10.04
CG MSE A 44 1.29 -13.10 -11.19
SE MSE A 44 -0.49 -12.89 -11.72
CE MSE A 44 -0.30 -11.27 -12.73
N TYR A 45 3.71 -10.86 -7.91
CA TYR A 45 4.24 -9.80 -7.07
C TYR A 45 5.60 -9.32 -7.58
N LYS A 46 6.50 -10.24 -7.91
CA LYS A 46 7.80 -9.85 -8.46
C LYS A 46 7.69 -9.14 -9.81
N GLN A 47 6.73 -9.55 -10.62
CA GLN A 47 6.43 -8.84 -11.88
C GLN A 47 5.96 -7.39 -11.58
N ALA A 48 5.11 -7.23 -10.57
CA ALA A 48 4.64 -5.90 -10.17
C ALA A 48 5.81 -5.06 -9.67
N GLN A 49 6.65 -5.60 -8.79
CA GLN A 49 7.83 -4.85 -8.33
C GLN A 49 8.70 -4.37 -9.51
N ALA A 50 8.88 -5.25 -10.49
CA ALA A 50 9.70 -4.96 -11.65
C ALA A 50 9.08 -3.88 -12.57
N SER A 51 7.80 -3.57 -12.40
CA SER A 51 7.15 -2.57 -13.24
C SER A 51 7.11 -1.20 -12.59
N PHE A 52 7.67 -1.06 -11.40
CA PHE A 52 7.65 0.20 -10.68
C PHE A 52 8.00 1.41 -11.58
N TRP A 53 7.18 2.46 -11.48
CA TRP A 53 7.50 3.74 -12.12
C TRP A 53 6.84 4.86 -11.35
N THR A 54 7.26 6.09 -11.62
CA THR A 54 6.67 7.27 -11.01
C THR A 54 6.21 8.24 -12.08
N ALA A 55 5.19 9.03 -11.75
CA ALA A 55 4.58 9.99 -12.64
C ALA A 55 5.58 10.95 -13.28
N GLU A 56 6.62 11.33 -12.54
CA GLU A 56 7.65 12.24 -13.04
C GLU A 56 8.48 11.68 -14.21
N GLU A 57 8.47 10.37 -14.43
CA GLU A 57 9.16 9.77 -15.57
C GLU A 57 8.47 10.04 -16.92
N VAL A 58 7.23 10.53 -16.90
CA VAL A 58 6.51 10.80 -18.14
C VAL A 58 6.62 12.28 -18.52
N ASP A 59 7.29 12.56 -19.63
CA ASP A 59 7.48 13.95 -20.05
C ASP A 59 6.19 14.47 -20.72
N LEU A 60 5.60 15.49 -20.11
CA LEU A 60 4.38 16.08 -20.63
C LEU A 60 4.64 17.39 -21.39
N SER A 61 5.91 17.77 -21.58
CA SER A 61 6.26 19.09 -22.12
C SER A 61 5.95 19.31 -23.61
N LYS A 62 5.63 18.26 -24.34
CA LYS A 62 5.32 18.40 -25.77
C LYS A 62 3.84 18.25 -26.07
N ASP A 63 3.03 18.01 -25.05
CA ASP A 63 1.59 17.80 -25.27
C ASP A 63 0.80 19.09 -25.50
N LEU A 64 1.18 20.19 -24.84
CA LEU A 64 0.37 21.41 -24.90
C LEU A 64 0.23 21.99 -26.31
N PRO A 65 1.31 21.98 -27.12
CA PRO A 65 1.12 22.40 -28.51
C PRO A 65 0.17 21.50 -29.31
N HIS A 66 0.19 20.19 -29.07
CA HIS A 66 -0.76 19.30 -29.75
C HIS A 66 -2.15 19.56 -29.25
N TRP A 67 -2.27 19.77 -27.94
CA TRP A 67 -3.55 20.07 -27.32
C TRP A 67 -4.18 21.27 -27.99
N ASN A 68 -3.40 22.34 -28.13
CA ASN A 68 -3.87 23.58 -28.75
C ASN A 68 -4.28 23.49 -30.23
N LYS A 69 -3.96 22.40 -30.91
CA LYS A 69 -4.40 22.21 -32.30
C LYS A 69 -5.62 21.28 -32.41
N LEU A 70 -6.04 20.67 -31.32
CA LEU A 70 -7.21 19.78 -31.33
C LEU A 70 -8.48 20.58 -31.57
N LYS A 71 -9.46 19.95 -32.23
CA LYS A 71 -10.77 20.56 -32.36
C LYS A 71 -11.49 20.59 -31.01
N ALA A 72 -12.45 21.49 -30.88
CA ALA A 72 -13.27 21.60 -29.68
C ALA A 72 -13.85 20.25 -29.24
N ASP A 73 -14.30 19.42 -30.18
CA ASP A 73 -14.89 18.12 -29.85
C ASP A 73 -13.86 17.15 -29.26
N GLU A 74 -12.65 17.20 -29.79
CA GLU A 74 -11.58 16.33 -29.34
C GLU A 74 -11.13 16.72 -27.93
N LYS A 75 -11.04 18.02 -27.65
CA LYS A 75 -10.73 18.49 -26.30
C LYS A 75 -11.80 18.08 -25.30
N TYR A 76 -13.05 18.16 -25.72
CA TYR A 76 -14.16 17.82 -24.85
C TYR A 76 -14.03 16.34 -24.46
N PHE A 77 -13.80 15.49 -25.45
CA PHE A 77 -13.67 14.06 -25.21
C PHE A 77 -12.54 13.73 -24.26
N ILE A 78 -11.36 14.24 -24.56
CA ILE A 78 -10.19 13.91 -23.78
C ILE A 78 -10.29 14.42 -22.34
N SER A 79 -10.72 15.66 -22.17
CA SER A 79 -10.82 16.21 -20.83
C SER A 79 -11.85 15.42 -19.99
N HIS A 80 -12.90 14.91 -20.63
CA HIS A 80 -13.89 14.12 -19.90
C HIS A 80 -13.41 12.74 -19.53
N ILE A 81 -12.69 12.09 -20.44
CA ILE A 81 -12.06 10.80 -20.15
C ILE A 81 -11.09 10.93 -18.97
N LEU A 82 -10.25 11.96 -19.02
CA LEU A 82 -9.34 12.23 -17.91
C LEU A 82 -10.10 12.41 -16.58
N ALA A 83 -11.17 13.18 -16.61
CA ALA A 83 -12.01 13.41 -15.42
C ALA A 83 -12.52 12.10 -14.82
N PHE A 84 -13.03 11.21 -15.65
CA PHE A 84 -13.41 9.88 -15.14
C PHE A 84 -12.23 9.20 -14.49
N PHE A 85 -11.12 9.15 -15.21
CA PHE A 85 -9.94 8.48 -14.70
C PHE A 85 -9.44 9.08 -13.37
N ALA A 86 -9.54 10.40 -13.23
CA ALA A 86 -9.00 11.17 -12.09
C ALA A 86 -9.47 10.63 -10.74
N ALA A 87 -10.75 10.30 -10.67
CA ALA A 87 -11.36 9.65 -9.50
C ALA A 87 -11.11 8.12 -9.42
N SER A 88 -11.05 7.46 -10.58
CA SER A 88 -11.27 6.02 -10.67
C SER A 88 -10.25 5.14 -9.93
N ASP A 89 -8.96 5.41 -10.13
CA ASP A 89 -7.91 4.61 -9.49
C ASP A 89 -7.93 4.71 -7.95
N GLY A 90 -8.31 5.88 -7.44
CA GLY A 90 -8.50 6.10 -6.00
C GLY A 90 -9.60 5.23 -5.38
N ILE A 91 -10.65 4.92 -6.15
CA ILE A 91 -11.74 4.07 -5.66
C ILE A 91 -11.30 2.61 -5.60
N VAL A 92 -10.56 2.18 -6.62
CA VAL A 92 -9.92 0.86 -6.63
C VAL A 92 -9.03 0.69 -5.38
N ASN A 93 -8.27 1.74 -5.04
CA ASN A 93 -7.41 1.70 -3.85
C ASN A 93 -8.17 1.58 -2.54
N GLU A 94 -9.30 2.27 -2.46
CA GLU A 94 -10.07 2.26 -1.23
C GLU A 94 -10.56 0.83 -0.95
N ASN A 95 -10.97 0.13 -2.01
CA ASN A 95 -11.41 -1.25 -1.89
C ASN A 95 -10.30 -2.17 -1.42
N LEU A 96 -9.13 -2.06 -2.05
CA LEU A 96 -7.97 -2.85 -1.66
C LEU A 96 -7.60 -2.61 -0.21
N VAL A 97 -7.53 -1.35 0.19
CA VAL A 97 -7.16 -1.00 1.57
C VAL A 97 -8.23 -1.46 2.54
N GLU A 98 -9.50 -1.26 2.18
CA GLU A 98 -10.64 -1.59 3.08
C GLU A 98 -10.96 -3.09 3.09
N ARG A 99 -11.06 -3.68 1.89
CA ARG A 99 -11.52 -5.05 1.70
C ARG A 99 -10.39 -6.04 1.39
N PHE A 100 -9.84 -6.04 0.18
CA PHE A 100 -9.06 -7.20 -0.30
C PHE A 100 -7.76 -7.46 0.45
N SER A 101 -6.91 -6.45 0.57
CA SER A 101 -5.61 -6.67 1.22
C SER A 101 -5.79 -7.12 2.68
N GLN A 102 -6.89 -6.70 3.32
CA GLN A 102 -7.19 -7.13 4.69
C GLN A 102 -7.79 -8.52 4.78
N GLU A 103 -8.73 -8.87 3.90
CA GLU A 103 -9.42 -10.16 4.05
C GLU A 103 -8.62 -11.33 3.48
N VAL A 104 -7.80 -11.11 2.46
CA VAL A 104 -6.92 -12.19 1.97
C VAL A 104 -5.81 -12.41 2.99
N GLN A 105 -5.54 -13.67 3.31
CA GLN A 105 -4.60 -14.04 4.37
C GLN A 105 -3.27 -14.62 3.87
N VAL A 106 -3.22 -14.98 2.61
CA VAL A 106 -2.02 -15.57 2.04
C VAL A 106 -1.01 -14.45 1.87
N PRO A 107 0.17 -14.57 2.49
CA PRO A 107 1.10 -13.42 2.43
C PRO A 107 1.57 -13.04 1.01
N GLU A 108 1.70 -14.01 0.11
CA GLU A 108 2.08 -13.69 -1.26
C GLU A 108 1.05 -12.74 -1.92
N ALA A 109 -0.23 -12.94 -1.62
CA ALA A 109 -1.30 -12.12 -2.17
C ALA A 109 -1.36 -10.73 -1.53
N ARG A 110 -1.11 -10.65 -0.22
CA ARG A 110 -1.03 -9.33 0.44
C ARG A 110 0.10 -8.47 -0.12
N CYS A 111 1.24 -9.11 -0.40
CA CYS A 111 2.36 -8.41 -1.01
C CYS A 111 1.94 -7.83 -2.36
N PHE A 112 1.25 -8.63 -3.17
CA PHE A 112 0.77 -8.13 -4.45
C PHE A 112 -0.14 -6.94 -4.28
N TYR A 113 -1.11 -7.07 -3.37
CA TYR A 113 -2.05 -5.97 -3.19
C TYR A 113 -1.39 -4.72 -2.67
N GLY A 114 -0.35 -4.87 -1.86
CA GLY A 114 0.37 -3.74 -1.33
C GLY A 114 1.01 -2.93 -2.46
N PHE A 115 1.54 -3.65 -3.44
CA PHE A 115 2.13 -2.98 -4.58
C PHE A 115 1.07 -2.35 -5.51
N GLN A 116 -0.08 -3.00 -5.62
CA GLN A 116 -1.17 -2.48 -6.40
C GLN A 116 -1.66 -1.17 -5.82
N ILE A 117 -1.67 -1.06 -4.50
CA ILE A 117 -2.08 0.17 -3.84
C ILE A 117 -1.11 1.28 -4.21
N LEU A 118 0.19 0.99 -4.13
CA LEU A 118 1.19 1.97 -4.49
C LEU A 118 1.01 2.43 -5.93
N ILE A 119 0.90 1.49 -6.87
CA ILE A 119 0.92 1.85 -8.28
C ILE A 119 -0.37 2.59 -8.68
N GLU A 120 -1.49 2.27 -8.04
CA GLU A 120 -2.74 2.99 -8.28
C GLU A 120 -2.62 4.46 -7.83
N ASN A 121 -1.87 4.74 -6.77
CA ASN A 121 -1.60 6.12 -6.37
C ASN A 121 -0.72 6.87 -7.38
N VAL A 122 0.19 6.14 -8.03
CA VAL A 122 0.94 6.71 -9.13
C VAL A 122 0.00 7.04 -10.30
N HIS A 123 -0.96 6.16 -10.57
CA HIS A 123 -1.93 6.43 -11.64
C HIS A 123 -2.72 7.70 -11.35
N SER A 124 -3.15 7.88 -10.11
CA SER A 124 -3.98 9.05 -9.77
C SER A 124 -3.18 10.34 -9.91
N GLU A 125 -1.92 10.31 -9.49
CA GLU A 125 -1.06 11.45 -9.67
C GLU A 125 -0.90 11.74 -11.15
N MSE A 126 -0.71 10.70 -11.96
CA MSE A 126 -0.50 10.90 -13.40
C MSE A 126 -1.72 11.58 -14.01
O MSE A 126 -1.57 12.53 -14.79
CB MSE A 126 -0.26 9.55 -14.07
CG MSE A 126 0.24 9.59 -15.49
SE MSE A 126 1.96 10.38 -15.63
CE MSE A 126 1.44 12.01 -16.56
N TYR A 127 -2.91 11.09 -13.69
CA TYR A 127 -4.12 11.69 -14.24
C TYR A 127 -4.33 13.14 -13.80
N SER A 128 -4.06 13.41 -12.53
CA SER A 128 -4.09 14.79 -12.03
C SER A 128 -3.12 15.70 -12.77
N LEU A 129 -1.91 15.20 -13.01
CA LEU A 129 -0.89 15.98 -13.71
C LEU A 129 -1.34 16.27 -15.11
N LEU A 130 -1.94 15.29 -15.78
CA LEU A 130 -2.44 15.49 -17.12
C LEU A 130 -3.51 16.57 -17.13
N ILE A 131 -4.47 16.49 -16.23
CA ILE A 131 -5.55 17.48 -16.16
C ILE A 131 -4.99 18.89 -15.91
N ASP A 132 -4.06 18.98 -14.97
CA ASP A 132 -3.42 20.23 -14.61
C ASP A 132 -2.61 20.84 -15.76
N THR A 133 -2.06 20.00 -16.62
CA THR A 133 -1.30 20.47 -17.76
C THR A 133 -2.17 20.98 -18.89
N TYR A 134 -3.31 20.33 -19.14
CA TYR A 134 -4.14 20.68 -20.29
C TYR A 134 -5.22 21.71 -19.99
N ILE A 135 -5.67 21.78 -18.73
CA ILE A 135 -6.76 22.67 -18.38
C ILE A 135 -6.23 23.81 -17.51
N ARG A 136 -5.93 24.92 -18.16
CA ARG A 136 -5.37 26.09 -17.49
C ARG A 136 -6.43 26.91 -16.74
N ASP A 137 -7.65 26.95 -17.25
CA ASP A 137 -8.73 27.66 -16.56
C ASP A 137 -9.11 26.94 -15.25
N PRO A 138 -8.87 27.59 -14.09
CA PRO A 138 -9.16 26.93 -12.82
C PRO A 138 -10.65 26.67 -12.57
N LYS A 139 -11.54 27.47 -13.16
CA LYS A 139 -12.98 27.15 -13.13
C LYS A 139 -13.29 25.80 -13.80
N LYS A 140 -12.77 25.61 -15.01
CA LYS A 140 -12.97 24.36 -15.73
C LYS A 140 -12.22 23.22 -15.07
N ARG A 141 -11.04 23.53 -14.53
CA ARG A 141 -10.24 22.53 -13.88
C ARG A 141 -10.92 21.98 -12.62
N GLU A 142 -11.54 22.88 -11.84
CA GLU A 142 -12.25 22.49 -10.61
C GLU A 142 -13.46 21.60 -10.96
N PHE A 143 -14.13 21.93 -12.07
CA PHE A 143 -15.26 21.11 -12.53
C PHE A 143 -14.81 19.67 -12.86
N LEU A 144 -13.68 19.54 -13.55
CA LEU A 144 -13.10 18.21 -13.91
C LEU A 144 -12.61 17.36 -12.70
N PHE A 145 -11.91 17.98 -11.76
CA PHE A 145 -11.44 17.30 -10.55
C PHE A 145 -12.61 16.81 -9.66
N ASN A 146 -13.77 17.44 -9.82
CA ASN A 146 -15.01 17.08 -9.10
C ASN A 146 -16.04 16.36 -9.98
N ALA A 147 -15.54 15.65 -10.98
CA ALA A 147 -16.38 14.85 -11.88
C ALA A 147 -17.33 13.92 -11.12
N ILE A 148 -16.87 13.38 -10.00
CA ILE A 148 -17.60 12.37 -9.25
C ILE A 148 -18.98 12.90 -8.86
N GLU A 149 -19.07 14.22 -8.64
CA GLU A 149 -20.35 14.90 -8.47
C GLU A 149 -20.87 15.73 -9.67
N THR A 150 -19.97 16.33 -10.44
CA THR A 150 -20.36 17.33 -11.45
C THR A 150 -20.62 16.76 -12.85
N MSE A 151 -20.47 15.44 -13.03
CA MSE A 151 -20.69 14.74 -14.31
C MSE A 151 -21.43 13.42 -14.05
O MSE A 151 -20.85 12.53 -13.43
CB MSE A 151 -19.35 14.42 -14.95
CG MSE A 151 -18.71 15.52 -15.77
SE MSE A 151 -16.84 15.05 -16.12
CE MSE A 151 -17.08 13.45 -17.22
N PRO A 152 -22.69 13.26 -14.54
CA PRO A 152 -23.54 12.14 -14.08
C PRO A 152 -23.12 10.71 -14.42
N TYR A 153 -22.60 10.48 -15.63
CA TYR A 153 -22.22 9.13 -16.05
C TYR A 153 -20.94 8.66 -15.34
N VAL A 154 -20.06 9.62 -15.05
CA VAL A 154 -18.90 9.37 -14.20
C VAL A 154 -19.34 8.99 -12.78
N LYS A 155 -20.30 9.74 -12.22
CA LYS A 155 -20.91 9.38 -10.94
C LYS A 155 -21.46 7.95 -10.97
N LYS A 156 -22.19 7.59 -12.03
CA LYS A 156 -22.76 6.23 -12.13
C LYS A 156 -21.71 5.12 -12.08
N LYS A 157 -20.61 5.30 -12.80
CA LYS A 157 -19.55 4.29 -12.77
C LYS A 157 -18.90 4.23 -11.38
N ALA A 158 -18.71 5.37 -10.74
CA ALA A 158 -18.14 5.42 -9.39
C ALA A 158 -19.07 4.80 -8.35
N ASP A 159 -20.37 5.06 -8.45
CA ASP A 159 -21.35 4.50 -7.50
C ASP A 159 -21.45 2.99 -7.63
N TRP A 160 -21.37 2.50 -8.86
CA TRP A 160 -21.28 1.06 -9.11
C TRP A 160 -20.12 0.45 -8.33
N ALA A 161 -18.94 1.04 -8.46
CA ALA A 161 -17.73 0.53 -7.77
C ALA A 161 -17.83 0.68 -6.26
N LEU A 162 -18.30 1.85 -5.82
CA LEU A 162 -18.41 2.16 -4.39
C LEU A 162 -19.37 1.20 -3.68
N ARG A 163 -20.44 0.79 -4.35
CA ARG A 163 -21.41 -0.13 -3.73
C ARG A 163 -20.78 -1.49 -3.38
N TRP A 164 -19.88 -1.99 -4.24
CA TRP A 164 -19.20 -3.29 -4.02
C TRP A 164 -18.22 -3.23 -2.89
N ILE A 165 -17.79 -2.02 -2.52
CA ILE A 165 -16.91 -1.85 -1.36
C ILE A 165 -17.78 -1.90 -0.12
N ALA A 166 -18.85 -1.11 -0.12
CA ALA A 166 -19.79 -1.03 1.01
C ALA A 166 -20.64 -2.29 1.20
N ASP A 167 -20.75 -3.10 0.15
CA ASP A 167 -21.50 -4.36 0.17
C ASP A 167 -21.02 -5.40 1.22
N ARG A 168 -21.74 -5.49 2.34
CA ARG A 168 -21.53 -6.55 3.34
C ARG A 168 -22.06 -7.91 2.89
N LYS A 169 -22.92 -7.95 1.87
CA LYS A 169 -23.64 -9.18 1.48
C LYS A 169 -22.86 -10.15 0.54
N SER A 170 -22.24 -9.64 -0.53
CA SER A 170 -21.66 -10.53 -1.57
C SER A 170 -20.34 -11.17 -1.17
N THR A 171 -20.10 -12.31 -1.79
CA THR A 171 -18.97 -13.13 -1.43
C THR A 171 -17.70 -12.52 -1.99
N PHE A 172 -16.56 -12.94 -1.46
CA PHE A 172 -15.26 -12.49 -1.95
C PHE A 172 -15.13 -12.77 -3.45
N GLY A 173 -15.53 -13.97 -3.87
CA GLY A 173 -15.47 -14.36 -5.28
C GLY A 173 -16.24 -13.43 -6.21
N GLU A 174 -17.45 -13.07 -5.80
CA GLU A 174 -18.26 -12.12 -6.56
C GLU A 174 -17.56 -10.77 -6.63
N ARG A 175 -17.02 -10.30 -5.51
CA ARG A 175 -16.40 -8.97 -5.45
C ARG A 175 -15.10 -8.89 -6.24
N VAL A 176 -14.35 -9.99 -6.29
CA VAL A 176 -13.13 -10.05 -7.10
C VAL A 176 -13.50 -9.95 -8.58
N VAL A 177 -14.57 -10.62 -9.02
CA VAL A 177 -15.04 -10.52 -10.40
C VAL A 177 -15.45 -9.08 -10.70
N ALA A 178 -16.21 -8.49 -9.79
CA ALA A 178 -16.63 -7.09 -9.94
C ALA A 178 -15.44 -6.15 -10.11
N PHE A 179 -14.41 -6.31 -9.28
CA PHE A 179 -13.28 -5.38 -9.38
C PHE A 179 -12.36 -5.69 -10.59
N ALA A 180 -12.29 -6.96 -10.99
CA ALA A 180 -11.71 -7.35 -12.28
C ALA A 180 -12.43 -6.65 -13.44
N ALA A 181 -13.76 -6.55 -13.35
CA ALA A 181 -14.56 -5.86 -14.36
C ALA A 181 -14.31 -4.36 -14.33
N VAL A 182 -14.12 -3.78 -13.16
CA VAL A 182 -13.79 -2.35 -13.09
C VAL A 182 -12.48 -2.07 -13.83
N GLU A 183 -11.49 -2.91 -13.58
CA GLU A 183 -10.16 -2.70 -14.13
C GLU A 183 -10.01 -3.15 -15.58
N GLY A 184 -10.84 -4.11 -15.99
CA GLY A 184 -10.74 -4.74 -17.30
C GLY A 184 -11.89 -4.45 -18.27
N VAL A 185 -13.04 -3.99 -17.79
CA VAL A 185 -14.14 -3.56 -18.68
C VAL A 185 -14.36 -2.04 -18.60
N PHE A 186 -14.41 -1.49 -17.39
CA PHE A 186 -14.67 -0.03 -17.20
C PHE A 186 -13.57 0.89 -17.75
N PHE A 187 -12.33 0.47 -17.76
CA PHE A 187 -11.31 1.35 -18.32
C PHE A 187 -11.03 1.01 -19.78
N SER A 188 -11.57 -0.11 -20.25
CA SER A 188 -11.06 -0.71 -21.47
C SER A 188 -11.24 0.20 -22.68
N GLY A 189 -12.41 0.79 -22.80
CA GLY A 189 -12.69 1.62 -23.94
C GLY A 189 -11.94 2.92 -23.94
N SER A 190 -11.71 3.47 -22.75
CA SER A 190 -10.93 4.70 -22.63
C SER A 190 -9.47 4.45 -22.99
N PHE A 191 -8.91 3.32 -22.56
CA PHE A 191 -7.53 2.98 -22.91
C PHE A 191 -7.40 2.88 -24.43
N ALA A 192 -8.37 2.23 -25.04
CA ALA A 192 -8.36 2.01 -26.50
C ALA A 192 -8.51 3.34 -27.23
N ALA A 193 -9.37 4.22 -26.73
CA ALA A 193 -9.50 5.56 -27.32
C ALA A 193 -8.17 6.31 -27.28
N ILE A 194 -7.43 6.21 -26.18
CA ILE A 194 -6.11 6.86 -26.11
C ILE A 194 -5.08 6.19 -27.03
N PHE A 195 -5.14 4.88 -27.19
CA PHE A 195 -4.32 4.22 -28.20
C PHE A 195 -4.69 4.66 -29.60
N TRP A 196 -5.95 5.08 -29.82
CA TRP A 196 -6.36 5.62 -31.12
C TRP A 196 -5.66 6.92 -31.39
N LEU A 197 -5.56 7.77 -30.36
CA LEU A 197 -4.81 9.00 -30.47
C LEU A 197 -3.33 8.74 -30.77
N LYS A 198 -2.79 7.64 -30.25
CA LYS A 198 -1.41 7.27 -30.56
C LYS A 198 -1.26 6.89 -32.03
N LYS A 199 -2.20 6.11 -32.54
CA LYS A 199 -2.19 5.77 -33.95
C LYS A 199 -2.18 7.01 -34.82
N ARG A 200 -2.87 8.07 -34.39
CA ARG A 200 -2.88 9.34 -35.10
C ARG A 200 -1.68 10.24 -34.79
N GLY A 201 -0.81 9.83 -33.88
CA GLY A 201 0.44 10.58 -33.58
C GLY A 201 0.26 11.78 -32.68
N LEU A 202 -0.80 11.79 -31.87
CA LEU A 202 -1.14 12.93 -31.03
C LEU A 202 -0.80 12.68 -29.55
N MSE A 203 -0.34 13.73 -28.86
CA MSE A 203 -0.21 13.77 -27.40
C MSE A 203 0.68 12.68 -26.79
O MSE A 203 0.18 11.78 -26.10
CB MSE A 203 -1.59 13.68 -26.76
CG MSE A 203 -2.68 14.51 -27.49
SE MSE A 203 -2.66 16.27 -26.87
CE MSE A 203 -3.86 15.89 -25.40
N PRO A 204 1.99 12.74 -27.04
CA PRO A 204 2.90 11.68 -26.64
C PRO A 204 2.92 11.37 -25.15
N GLY A 205 2.76 12.40 -24.32
CA GLY A 205 2.74 12.20 -22.87
C GLY A 205 1.54 11.42 -22.41
N LEU A 206 0.36 11.88 -22.84
CA LEU A 206 -0.89 11.15 -22.60
C LEU A 206 -0.83 9.71 -23.09
N THR A 207 -0.30 9.49 -24.28
CA THR A 207 -0.33 8.14 -24.83
C THR A 207 0.70 7.23 -24.20
N PHE A 208 1.88 7.76 -23.87
CA PHE A 208 2.87 6.95 -23.17
C PHE A 208 2.41 6.58 -21.77
N SER A 209 1.86 7.54 -21.04
CA SER A 209 1.36 7.20 -19.71
C SER A 209 0.23 6.16 -19.80
N ASN A 210 -0.61 6.25 -20.84
CA ASN A 210 -1.67 5.27 -21.10
C ASN A 210 -1.11 3.87 -21.30
N GLU A 211 0.02 3.77 -21.99
CA GLU A 211 0.71 2.50 -22.18
C GLU A 211 1.14 1.86 -20.87
N LEU A 212 1.71 2.66 -19.97
CA LEU A 212 2.13 2.14 -18.67
C LEU A 212 0.93 1.78 -17.80
N ILE A 213 -0.06 2.66 -17.76
CA ILE A 213 -1.23 2.42 -16.92
C ILE A 213 -2.05 1.20 -17.41
N SER A 214 -2.27 1.09 -18.71
CA SER A 214 -3.04 -0.06 -19.27
C SER A 214 -2.32 -1.40 -19.03
N ARG A 215 -1.00 -1.40 -19.17
CA ARG A 215 -0.19 -2.56 -18.79
C ARG A 215 -0.40 -2.93 -17.32
N ASP A 216 -0.34 -1.95 -16.43
CA ASP A 216 -0.51 -2.24 -15.00
C ASP A 216 -1.90 -2.81 -14.72
N GLU A 217 -2.94 -2.19 -15.29
CA GLU A 217 -4.31 -2.67 -15.07
C GLU A 217 -4.51 -4.08 -15.63
N GLY A 218 -3.84 -4.38 -16.75
CA GLY A 218 -3.83 -5.73 -17.32
C GLY A 218 -3.25 -6.74 -16.32
N LEU A 219 -2.17 -6.36 -15.65
CA LEU A 219 -1.57 -7.22 -14.62
C LEU A 219 -2.52 -7.39 -13.41
N HIS A 220 -3.15 -6.30 -12.98
CA HIS A 220 -4.10 -6.38 -11.87
C HIS A 220 -5.29 -7.28 -12.20
N CYS A 221 -5.77 -7.20 -13.43
CA CYS A 221 -6.87 -8.04 -13.88
CA CYS A 221 -6.87 -8.06 -13.89
C CYS A 221 -6.44 -9.52 -13.93
N ASP A 222 -5.25 -9.78 -14.44
CA ASP A 222 -4.71 -11.14 -14.44
C ASP A 222 -4.58 -11.72 -13.03
N PHE A 223 -4.21 -10.87 -12.07
CA PHE A 223 -4.11 -11.27 -10.68
C PHE A 223 -5.49 -11.64 -10.12
N ALA A 224 -6.50 -10.84 -10.44
CA ALA A 224 -7.88 -11.15 -10.05
C ALA A 224 -8.32 -12.52 -10.57
N CYS A 225 -7.99 -12.81 -11.82
CA CYS A 225 -8.27 -14.12 -12.39
C CYS A 225 -7.47 -15.24 -11.75
N LEU A 226 -6.24 -14.95 -11.31
CA LEU A 226 -5.46 -15.96 -10.60
C LEU A 226 -6.09 -16.21 -9.22
N MSE A 227 -6.49 -15.16 -8.50
CA MSE A 227 -7.17 -15.34 -7.20
C MSE A 227 -8.39 -16.21 -7.39
O MSE A 227 -8.61 -17.13 -6.62
CB MSE A 227 -7.63 -14.01 -6.58
CG MSE A 227 -6.54 -13.06 -6.14
SE MSE A 227 -5.39 -13.78 -4.74
CE MSE A 227 -4.29 -14.97 -5.79
N PHE A 228 -9.15 -15.90 -8.43
CA PHE A 228 -10.37 -16.65 -8.71
C PHE A 228 -10.11 -18.15 -8.84
N GLN A 229 -9.00 -18.53 -9.44
CA GLN A 229 -8.65 -19.95 -9.61
CA GLN A 229 -8.65 -19.94 -9.61
C GLN A 229 -8.45 -20.68 -8.29
N TYR A 230 -8.06 -19.95 -7.25
CA TYR A 230 -7.81 -20.53 -5.93
C TYR A 230 -9.05 -20.62 -5.05
N LEU A 231 -10.20 -20.19 -5.55
CA LEU A 231 -11.43 -20.34 -4.80
C LEU A 231 -11.91 -21.77 -4.93
N VAL A 232 -12.27 -22.35 -3.79
CA VAL A 232 -12.90 -23.65 -3.74
C VAL A 232 -14.38 -23.50 -4.12
N ASN A 233 -15.02 -22.45 -3.62
CA ASN A 233 -16.44 -22.20 -3.90
C ASN A 233 -16.64 -20.93 -4.75
N LYS A 234 -16.82 -21.16 -6.03
CA LYS A 234 -16.90 -20.10 -7.02
C LYS A 234 -18.35 -19.68 -7.20
N PRO A 235 -18.59 -18.39 -7.56
CA PRO A 235 -19.96 -18.06 -7.94
C PRO A 235 -20.31 -18.76 -9.24
N SER A 236 -21.60 -19.00 -9.47
CA SER A 236 -22.06 -19.67 -10.67
C SER A 236 -21.76 -18.87 -11.94
N GLU A 237 -21.71 -19.55 -13.08
CA GLU A 237 -21.50 -18.90 -14.37
C GLU A 237 -22.56 -17.81 -14.62
N GLU A 238 -23.79 -18.09 -14.21
CA GLU A 238 -24.91 -17.14 -14.33
C GLU A 238 -24.59 -15.84 -13.60
N ARG A 239 -24.17 -15.96 -12.35
CA ARG A 239 -23.87 -14.80 -11.52
C ARG A 239 -22.67 -14.01 -12.09
N VAL A 240 -21.63 -14.72 -12.53
CA VAL A 240 -20.45 -14.05 -13.09
C VAL A 240 -20.87 -13.25 -14.33
N ARG A 241 -21.65 -13.87 -15.20
CA ARG A 241 -22.21 -13.19 -16.37
C ARG A 241 -23.00 -11.95 -16.04
N GLU A 242 -23.89 -12.06 -15.06
CA GLU A 242 -24.67 -10.91 -14.64
C GLU A 242 -23.77 -9.72 -14.29
N ILE A 243 -22.73 -9.97 -13.50
CA ILE A 243 -21.81 -8.91 -13.10
C ILE A 243 -21.10 -8.28 -14.31
N ILE A 244 -20.56 -9.11 -15.20
CA ILE A 244 -19.75 -8.60 -16.31
C ILE A 244 -20.60 -7.97 -17.40
N VAL A 245 -21.72 -8.60 -17.74
CA VAL A 245 -22.69 -8.08 -18.70
C VAL A 245 -23.23 -6.72 -18.28
N ASP A 246 -23.53 -6.57 -16.99
CA ASP A 246 -23.94 -5.28 -16.46
C ASP A 246 -22.84 -4.22 -16.66
N ALA A 247 -21.59 -4.60 -16.42
CA ALA A 247 -20.46 -3.68 -16.57
C ALA A 247 -20.34 -3.27 -18.02
N VAL A 248 -20.52 -4.24 -18.93
CA VAL A 248 -20.46 -3.96 -20.36
C VAL A 248 -21.50 -2.92 -20.78
N LYS A 249 -22.73 -3.06 -20.30
CA LYS A 249 -23.78 -2.13 -20.68
C LYS A 249 -23.46 -0.71 -20.22
N ILE A 250 -22.97 -0.58 -19.00
CA ILE A 250 -22.58 0.72 -18.44
C ILE A 250 -21.48 1.36 -19.27
N GLU A 251 -20.46 0.58 -19.61
CA GLU A 251 -19.34 1.07 -20.39
C GLU A 251 -19.75 1.45 -21.82
N GLN A 252 -20.61 0.63 -22.42
CA GLN A 252 -21.10 0.87 -23.79
C GLN A 252 -21.91 2.16 -23.83
N GLU A 253 -22.81 2.34 -22.87
CA GLU A 253 -23.60 3.57 -22.74
C GLU A 253 -22.70 4.81 -22.64
N PHE A 254 -21.65 4.71 -21.82
CA PHE A 254 -20.74 5.82 -21.59
C PHE A 254 -20.03 6.25 -22.88
N LEU A 255 -19.43 5.30 -23.59
CA LEU A 255 -18.61 5.61 -24.77
C LEU A 255 -19.38 5.68 -26.11
N THR A 256 -20.67 5.34 -26.08
CA THR A 256 -21.52 5.46 -27.28
C THR A 256 -22.60 6.53 -27.16
N GLU A 257 -22.98 6.89 -25.93
CA GLU A 257 -24.09 7.83 -25.74
C GLU A 257 -23.68 9.06 -24.94
N ALA A 258 -23.18 8.88 -23.72
CA ALA A 258 -22.79 10.02 -22.88
C ALA A 258 -21.59 10.79 -23.46
N LEU A 259 -20.51 10.07 -23.75
CA LEU A 259 -19.29 10.67 -24.28
C LEU A 259 -18.85 9.90 -25.55
N PRO A 260 -19.53 10.13 -26.69
CA PRO A 260 -19.34 9.30 -27.91
C PRO A 260 -17.94 9.35 -28.50
N VAL A 261 -17.37 8.19 -28.83
CA VAL A 261 -16.01 8.10 -29.42
C VAL A 261 -15.90 8.72 -30.81
N GLY A 262 -17.04 8.96 -31.47
CA GLY A 262 -17.08 9.74 -32.69
C GLY A 262 -16.47 11.13 -32.54
N LEU A 263 -16.50 11.68 -31.33
CA LEU A 263 -15.85 12.97 -31.04
C LEU A 263 -14.34 12.99 -31.32
N ILE A 264 -13.68 11.82 -31.32
CA ILE A 264 -12.27 11.76 -31.72
C ILE A 264 -12.08 10.93 -32.98
N GLY A 265 -13.16 10.79 -33.76
CA GLY A 265 -13.13 10.14 -35.08
C GLY A 265 -13.14 8.62 -35.08
N MSE A 266 -13.65 7.98 -34.03
CA MSE A 266 -13.78 6.52 -33.99
C MSE A 266 -15.21 6.11 -34.31
O MSE A 266 -16.14 6.90 -34.17
CB MSE A 266 -13.43 5.94 -32.63
CG MSE A 266 -11.99 6.14 -32.20
SE MSE A 266 -11.60 5.32 -30.47
CE MSE A 266 -11.23 3.55 -31.12
N ASN A 267 -15.37 4.85 -34.71
CA ASN A 267 -16.66 4.26 -35.01
C ASN A 267 -17.26 3.65 -33.73
N CYS A 268 -18.42 4.17 -33.30
CA CYS A 268 -19.11 3.72 -32.07
C CYS A 268 -19.51 2.23 -32.10
N ILE A 269 -19.89 1.72 -33.26
CA ILE A 269 -20.29 0.31 -33.37
C ILE A 269 -19.09 -0.60 -33.12
N LEU A 270 -17.94 -0.26 -33.70
CA LEU A 270 -16.72 -1.03 -33.44
C LEU A 270 -16.26 -0.91 -31.97
N MSE A 271 -16.46 0.27 -31.36
CA MSE A 271 -16.12 0.40 -29.93
C MSE A 271 -16.96 -0.53 -29.05
O MSE A 271 -16.42 -1.13 -28.12
CB MSE A 271 -16.25 1.86 -29.45
CG MSE A 271 -15.85 2.08 -27.97
SE MSE A 271 -14.05 1.41 -27.44
CE MSE A 271 -12.94 2.88 -28.07
N LYS A 272 -18.26 -0.64 -29.32
CA LYS A 272 -19.14 -1.58 -28.62
C LYS A 272 -18.64 -3.01 -28.76
N GLN A 273 -18.28 -3.36 -29.99
CA GLN A 273 -17.71 -4.68 -30.29
C GLN A 273 -16.41 -4.91 -29.48
N TYR A 274 -15.57 -3.90 -29.36
CA TYR A 274 -14.31 -4.03 -28.61
C TYR A 274 -14.58 -4.30 -27.13
N ILE A 275 -15.51 -3.55 -26.54
CA ILE A 275 -15.81 -3.71 -25.13
C ILE A 275 -16.31 -5.12 -24.85
N GLU A 276 -17.12 -5.65 -25.77
CA GLU A 276 -17.58 -7.03 -25.67
C GLU A 276 -16.43 -8.03 -25.84
N PHE A 277 -15.47 -7.72 -26.71
CA PHE A 277 -14.30 -8.57 -26.90
C PHE A 277 -13.50 -8.66 -25.59
N VAL A 278 -13.34 -7.52 -24.93
CA VAL A 278 -12.64 -7.48 -23.66
C VAL A 278 -13.38 -8.25 -22.56
N ALA A 279 -14.71 -8.15 -22.53
CA ALA A 279 -15.53 -8.89 -21.56
C ALA A 279 -15.43 -10.40 -21.76
N ASP A 280 -15.59 -10.84 -23.01
CA ASP A 280 -15.40 -12.24 -23.37
C ASP A 280 -14.06 -12.75 -22.84
N ARG A 281 -13.00 -12.01 -23.12
CA ARG A 281 -11.67 -12.44 -22.77
C ARG A 281 -11.52 -12.59 -21.25
N LEU A 282 -12.20 -11.73 -20.50
CA LEU A 282 -12.23 -11.83 -19.04
C LEU A 282 -12.98 -13.09 -18.60
N LEU A 283 -14.13 -13.35 -19.22
CA LEU A 283 -14.89 -14.57 -18.88
C LEU A 283 -14.08 -15.85 -19.12
N VAL A 284 -13.41 -15.92 -20.27
CA VAL A 284 -12.56 -17.08 -20.60
C VAL A 284 -11.42 -17.20 -19.61
N GLU A 285 -10.82 -16.07 -19.24
CA GLU A 285 -9.68 -16.10 -18.32
CA GLU A 285 -9.68 -16.08 -18.32
C GLU A 285 -10.13 -16.48 -16.91
N LEU A 286 -11.40 -16.26 -16.58
CA LEU A 286 -12.00 -16.71 -15.32
C LEU A 286 -12.47 -18.19 -15.38
N GLY A 287 -12.40 -18.82 -16.56
CA GLY A 287 -12.74 -20.25 -16.71
C GLY A 287 -14.13 -20.51 -17.24
N PHE A 288 -14.79 -19.49 -17.79
CA PHE A 288 -16.16 -19.64 -18.28
C PHE A 288 -16.19 -19.53 -19.79
N SER A 289 -17.35 -19.69 -20.39
CA SER A 289 -17.48 -19.54 -21.83
C SER A 289 -17.82 -18.09 -22.19
N LYS A 290 -17.57 -17.77 -23.44
CA LYS A 290 -17.84 -16.45 -24.00
C LYS A 290 -19.34 -16.25 -24.09
N VAL A 291 -19.81 -15.02 -23.97
CA VAL A 291 -21.23 -14.70 -24.14
C VAL A 291 -21.50 -13.88 -25.40
N PHE A 292 -20.55 -13.07 -25.82
CA PHE A 292 -20.73 -12.16 -26.97
C PHE A 292 -20.16 -12.69 -28.28
N GLN A 293 -19.07 -13.44 -28.22
CA GLN A 293 -18.35 -13.94 -29.40
C GLN A 293 -17.78 -12.83 -30.28
N ALA A 294 -17.53 -11.66 -29.70
CA ALA A 294 -17.05 -10.51 -30.46
C ALA A 294 -15.58 -10.68 -30.83
N GLU A 295 -15.26 -10.47 -32.10
CA GLU A 295 -13.88 -10.28 -32.54
C GLU A 295 -13.36 -8.91 -32.13
N ASN A 296 -12.06 -8.82 -31.85
CA ASN A 296 -11.40 -7.55 -31.70
C ASN A 296 -11.40 -6.79 -33.03
N PRO A 297 -12.05 -5.62 -33.09
CA PRO A 297 -12.12 -4.89 -34.35
C PRO A 297 -10.94 -3.94 -34.60
N PHE A 298 -10.05 -3.81 -33.64
CA PHE A 298 -8.99 -2.80 -33.72
C PHE A 298 -7.61 -3.43 -33.94
N ASP A 299 -7.05 -3.20 -35.13
CA ASP A 299 -5.71 -3.70 -35.46
C ASP A 299 -4.64 -3.13 -34.54
N PHE A 300 -4.77 -1.86 -34.18
CA PHE A 300 -3.85 -1.19 -33.25
C PHE A 300 -3.92 -1.73 -31.82
N MSE A 301 -4.93 -2.53 -31.48
CA MSE A 301 -4.97 -3.18 -30.15
C MSE A 301 -4.52 -4.65 -30.20
O MSE A 301 -4.61 -5.36 -29.20
CB MSE A 301 -6.38 -3.11 -29.54
CG MSE A 301 -6.93 -1.70 -29.32
SE MSE A 301 -5.86 -0.70 -28.07
CE MSE A 301 -5.91 -1.94 -26.57
N GLU A 302 -4.04 -5.12 -31.35
CA GLU A 302 -3.45 -6.46 -31.44
C GLU A 302 -1.97 -6.41 -31.03
N ASN A 303 -1.24 -5.45 -31.61
CA ASN A 303 0.17 -5.23 -31.27
C ASN A 303 0.49 -3.74 -31.17
N ILE B 16 -20.33 15.23 11.20
CA ILE B 16 -20.15 14.73 12.60
C ILE B 16 -18.85 15.30 13.19
N LYS B 17 -18.43 14.81 14.36
CA LYS B 17 -17.22 15.31 15.05
C LYS B 17 -15.91 15.27 14.24
N SER B 18 -15.86 14.45 13.19
CA SER B 18 -14.68 14.36 12.34
C SER B 18 -14.61 15.55 11.36
N ASN B 19 -15.72 16.27 11.17
CA ASN B 19 -15.70 17.50 10.36
C ASN B 19 -14.87 18.61 11.00
N GLU B 20 -14.69 18.55 12.31
CA GLU B 20 -13.84 19.50 13.01
C GLU B 20 -12.35 19.27 12.67
N GLU B 21 -11.97 18.05 12.36
CA GLU B 21 -10.57 17.71 12.08
C GLU B 21 -10.33 17.75 10.58
N PRO B 22 -9.45 18.68 10.13
CA PRO B 22 -9.13 18.76 8.70
C PRO B 22 -8.65 17.43 8.11
N LEU B 23 -7.93 16.65 8.88
CA LEU B 23 -7.43 15.35 8.43
C LEU B 23 -8.54 14.29 8.18
N LEU B 24 -9.65 14.40 8.91
CA LEU B 24 -10.70 13.37 8.93
C LEU B 24 -11.99 13.76 8.24
N ARG B 25 -12.06 14.99 7.74
CA ARG B 25 -13.33 15.51 7.19
C ARG B 25 -13.61 14.88 5.81
N LYS B 26 -14.76 14.22 5.72
CA LYS B 26 -15.13 13.38 4.58
C LYS B 26 -15.37 14.22 3.36
N SER B 27 -14.80 13.81 2.23
CA SER B 27 -15.00 14.50 0.96
C SER B 27 -14.94 13.55 -0.25
N SER B 28 -15.56 13.98 -1.35
CA SER B 28 -15.35 13.36 -2.66
C SER B 28 -13.96 13.63 -3.26
N ARG B 29 -13.25 14.65 -2.77
CA ARG B 29 -11.91 14.99 -3.27
C ARG B 29 -10.86 14.02 -2.70
N ARG B 30 -11.27 12.96 -2.00
CA ARG B 30 -10.28 12.06 -1.42
C ARG B 30 -9.63 11.15 -2.46
N PHE B 31 -10.32 10.95 -3.58
CA PHE B 31 -9.85 10.13 -4.68
C PHE B 31 -8.95 10.86 -5.70
N VAL B 32 -8.93 12.20 -5.67
CA VAL B 32 -8.23 13.00 -6.69
C VAL B 32 -7.04 13.66 -5.98
N ILE B 33 -5.81 13.53 -6.50
CA ILE B 33 -4.62 14.05 -5.80
C ILE B 33 -4.45 15.57 -5.90
N PHE B 34 -4.65 16.17 -7.07
CA PHE B 34 -4.43 17.61 -7.23
C PHE B 34 -5.77 18.33 -7.01
N PRO B 35 -5.72 19.61 -6.54
CA PRO B 35 -4.50 20.39 -6.26
C PRO B 35 -3.81 19.95 -4.97
N ILE B 36 -2.47 20.10 -4.91
CA ILE B 36 -1.68 19.75 -3.71
C ILE B 36 -1.86 20.84 -2.66
N GLN B 37 -2.64 20.49 -1.66
CA GLN B 37 -3.05 21.39 -0.58
C GLN B 37 -2.16 21.29 0.66
N TYR B 38 -1.44 20.19 0.82
CA TYR B 38 -0.58 19.97 1.99
C TYR B 38 0.83 19.64 1.52
N PRO B 39 1.59 20.66 1.13
CA PRO B 39 2.90 20.40 0.53
C PRO B 39 3.91 19.69 1.42
N ASP B 40 3.81 19.86 2.75
CA ASP B 40 4.72 19.18 3.66
C ASP B 40 4.43 17.68 3.77
N ILE B 41 3.16 17.29 3.71
CA ILE B 41 2.77 15.88 3.69
C ILE B 41 3.24 15.26 2.37
N TRP B 42 3.02 15.98 1.28
CA TRP B 42 3.42 15.52 -0.06
C TRP B 42 4.91 15.34 -0.18
N LYS B 43 5.68 16.27 0.39
CA LYS B 43 7.13 16.18 0.37
C LYS B 43 7.63 14.89 1.04
N MSE B 44 6.98 14.50 2.13
CA MSE B 44 7.31 13.24 2.78
C MSE B 44 6.97 12.01 1.96
O MSE B 44 7.73 11.05 1.93
CB MSE B 44 6.67 13.18 4.17
CG MSE B 44 7.35 14.18 5.10
SE MSE B 44 7.24 13.68 6.92
CE MSE B 44 8.26 12.06 6.91
N TYR B 45 5.84 12.03 1.26
CA TYR B 45 5.54 10.98 0.29
C TYR B 45 6.63 10.90 -0.78
N LYS B 46 7.05 12.04 -1.32
CA LYS B 46 8.12 12.03 -2.33
C LYS B 46 9.43 11.51 -1.75
N GLN B 47 9.70 11.81 -0.50
CA GLN B 47 10.86 11.26 0.20
C GLN B 47 10.76 9.72 0.28
N ALA B 48 9.58 9.22 0.60
CA ALA B 48 9.38 7.76 0.64
C ALA B 48 9.58 7.16 -0.75
N GLN B 49 8.99 7.75 -1.79
CA GLN B 49 9.19 7.23 -3.14
C GLN B 49 10.68 7.15 -3.53
N ALA B 50 11.43 8.18 -3.12
CA ALA B 50 12.88 8.25 -3.40
C ALA B 50 13.70 7.20 -2.64
N SER B 51 13.13 6.62 -1.59
CA SER B 51 13.80 5.62 -0.76
C SER B 51 13.45 4.18 -1.13
N PHE B 52 12.64 3.99 -2.16
CA PHE B 52 12.17 2.66 -2.56
C PHE B 52 13.31 1.67 -2.61
N TRP B 53 13.13 0.51 -1.99
CA TRP B 53 14.08 -0.58 -2.14
C TRP B 53 13.41 -1.90 -2.05
N THR B 54 14.10 -2.94 -2.48
CA THR B 54 13.59 -4.31 -2.42
C THR B 54 14.62 -5.20 -1.70
N ALA B 55 14.12 -6.24 -1.06
CA ALA B 55 14.92 -7.17 -0.28
C ALA B 55 16.12 -7.75 -1.08
N GLU B 56 15.92 -8.00 -2.36
CA GLU B 56 16.97 -8.56 -3.22
C GLU B 56 18.20 -7.66 -3.39
N GLU B 57 18.06 -6.37 -3.12
CA GLU B 57 19.19 -5.46 -3.20
C GLU B 57 20.23 -5.68 -2.10
N VAL B 58 19.85 -6.34 -1.01
CA VAL B 58 20.78 -6.45 0.09
C VAL B 58 21.64 -7.68 -0.16
N ASP B 59 22.94 -7.48 -0.33
CA ASP B 59 23.84 -8.60 -0.56
C ASP B 59 24.11 -9.30 0.75
N LEU B 60 23.69 -10.56 0.85
CA LEU B 60 23.90 -11.36 2.06
C LEU B 60 25.06 -12.36 1.91
N SER B 61 25.80 -12.28 0.81
CA SER B 61 26.79 -13.34 0.46
C SER B 61 28.06 -13.36 1.33
N LYS B 62 28.30 -12.32 2.14
CA LYS B 62 29.50 -12.27 2.99
C LYS B 62 29.18 -12.45 4.47
N ASP B 63 27.91 -12.66 4.80
CA ASP B 63 27.50 -12.75 6.21
C ASP B 63 27.83 -14.06 6.90
N LEU B 64 27.74 -15.18 6.18
CA LEU B 64 27.83 -16.48 6.83
C LEU B 64 29.17 -16.72 7.52
N PRO B 65 30.29 -16.28 6.92
CA PRO B 65 31.55 -16.38 7.68
C PRO B 65 31.59 -15.54 8.97
N HIS B 66 30.99 -14.34 8.95
CA HIS B 66 30.93 -13.54 10.17
C HIS B 66 30.00 -14.17 11.18
N TRP B 67 28.89 -14.71 10.71
CA TRP B 67 27.95 -15.41 11.57
C TRP B 67 28.63 -16.52 12.31
N ASN B 68 29.39 -17.33 11.59
CA ASN B 68 30.09 -18.47 12.17
C ASN B 68 31.17 -18.09 13.21
N LYS B 69 31.54 -16.83 13.29
CA LYS B 69 32.54 -16.42 14.27
C LYS B 69 31.92 -15.80 15.50
N LEU B 70 30.60 -15.59 15.50
CA LEU B 70 29.93 -15.15 16.71
C LEU B 70 29.95 -16.25 17.78
N LYS B 71 30.03 -15.87 19.05
CA LYS B 71 29.92 -16.82 20.16
C LYS B 71 28.48 -17.33 20.31
N ALA B 72 28.30 -18.45 20.98
CA ALA B 72 26.99 -19.03 21.28
C ALA B 72 25.99 -18.04 21.87
N ASP B 73 26.44 -17.22 22.82
CA ASP B 73 25.55 -16.21 23.42
C ASP B 73 25.11 -15.12 22.43
N GLU B 74 26.02 -14.76 21.55
CA GLU B 74 25.74 -13.74 20.53
C GLU B 74 24.79 -14.26 19.47
N LYS B 75 24.97 -15.51 19.03
CA LYS B 75 24.02 -16.14 18.12
C LYS B 75 22.63 -16.24 18.73
N TYR B 76 22.56 -16.56 20.01
CA TYR B 76 21.27 -16.67 20.69
C TYR B 76 20.55 -15.33 20.63
N PHE B 77 21.27 -14.26 20.98
CA PHE B 77 20.70 -12.92 20.96
C PHE B 77 20.21 -12.52 19.58
N ILE B 78 21.06 -12.68 18.57
CA ILE B 78 20.73 -12.22 17.23
C ILE B 78 19.58 -13.02 16.61
N SER B 79 19.60 -14.33 16.77
CA SER B 79 18.54 -15.15 16.23
C SER B 79 17.20 -14.81 16.90
N HIS B 80 17.24 -14.46 18.18
CA HIS B 80 16.00 -14.05 18.85
C HIS B 80 15.50 -12.69 18.42
N ILE B 81 16.39 -11.73 18.25
CA ILE B 81 16.02 -10.39 17.78
C ILE B 81 15.38 -10.51 16.38
N LEU B 82 16.00 -11.27 15.50
CA LEU B 82 15.44 -11.52 14.17
C LEU B 82 14.02 -12.13 14.25
N ALA B 83 13.87 -13.14 15.09
CA ALA B 83 12.56 -13.78 15.25
C ALA B 83 11.52 -12.76 15.75
N PHE B 84 11.90 -11.92 16.72
CA PHE B 84 11.00 -10.87 17.23
C PHE B 84 10.64 -9.85 16.18
N PHE B 85 11.61 -9.49 15.33
CA PHE B 85 11.33 -8.66 14.16
C PHE B 85 10.28 -9.33 13.26
N ALA B 86 10.46 -10.60 12.93
CA ALA B 86 9.52 -11.32 12.07
C ALA B 86 8.10 -11.38 12.69
N ALA B 87 8.02 -11.57 14.01
CA ALA B 87 6.73 -11.75 14.70
C ALA B 87 5.90 -10.47 14.85
N SER B 88 6.53 -9.31 14.70
CA SER B 88 5.81 -8.01 14.79
C SER B 88 4.66 -7.89 13.79
N ASP B 89 4.91 -8.26 12.53
CA ASP B 89 3.89 -8.17 11.47
C ASP B 89 2.67 -9.06 11.76
N GLY B 90 2.93 -10.22 12.38
CA GLY B 90 1.87 -11.13 12.81
C GLY B 90 0.92 -10.58 13.88
N ILE B 91 1.42 -9.70 14.73
CA ILE B 91 0.65 -9.15 15.87
C ILE B 91 -0.73 -8.53 15.53
N VAL B 92 -1.46 -8.12 16.57
CA VAL B 92 -2.84 -7.64 16.42
C VAL B 92 -2.97 -6.43 15.50
N ASN B 93 -2.06 -5.47 15.65
CA ASN B 93 -1.94 -4.31 14.75
C ASN B 93 -1.31 -4.65 13.38
N GLU B 94 -1.78 -5.76 12.78
CA GLU B 94 -1.43 -6.13 11.42
C GLU B 94 -2.10 -5.18 10.40
N ASN B 95 -3.22 -4.54 10.80
CA ASN B 95 -3.94 -3.58 9.95
C ASN B 95 -3.96 -2.11 10.41
N LEU B 96 -3.00 -1.70 11.25
CA LEU B 96 -2.99 -0.33 11.78
C LEU B 96 -2.87 0.73 10.66
N VAL B 97 -1.92 0.52 9.76
CA VAL B 97 -1.65 1.46 8.69
C VAL B 97 -2.87 1.57 7.78
N GLU B 98 -3.50 0.44 7.50
CA GLU B 98 -4.71 0.41 6.68
C GLU B 98 -5.85 1.15 7.37
N ARG B 99 -5.92 1.05 8.69
CA ARG B 99 -6.95 1.76 9.45
C ARG B 99 -6.76 3.27 9.34
N PHE B 100 -5.53 3.73 9.51
CA PHE B 100 -5.20 5.14 9.25
C PHE B 100 -5.46 5.54 7.81
N SER B 101 -5.06 4.72 6.86
CA SER B 101 -5.30 5.05 5.47
C SER B 101 -6.81 5.23 5.16
N GLN B 102 -7.66 4.50 5.86
CA GLN B 102 -9.12 4.66 5.68
C GLN B 102 -9.65 5.90 6.38
N GLU B 103 -9.22 6.17 7.62
CA GLU B 103 -9.77 7.30 8.37
C GLU B 103 -9.34 8.64 7.78
N VAL B 104 -8.07 8.75 7.42
CA VAL B 104 -7.55 10.01 6.94
C VAL B 104 -8.06 10.25 5.53
N GLN B 105 -8.54 11.47 5.29
CA GLN B 105 -9.19 11.80 4.05
C GLN B 105 -8.30 12.62 3.12
N VAL B 106 -7.18 13.12 3.62
CA VAL B 106 -6.27 13.91 2.82
C VAL B 106 -5.51 13.00 1.83
N PRO B 107 -5.65 13.26 0.52
CA PRO B 107 -5.02 12.32 -0.44
C PRO B 107 -3.48 12.27 -0.38
N GLU B 108 -2.83 13.36 0.01
CA GLU B 108 -1.38 13.38 0.21
C GLU B 108 -0.97 12.35 1.29
N ALA B 109 -1.78 12.22 2.33
CA ALA B 109 -1.50 11.31 3.43
C ALA B 109 -1.78 9.85 3.02
N ARG B 110 -2.84 9.63 2.25
CA ARG B 110 -3.12 8.28 1.74
C ARG B 110 -2.02 7.75 0.85
N CYS B 111 -1.45 8.63 0.02
CA CYS B 111 -0.29 8.28 -0.79
C CYS B 111 0.87 7.85 0.10
N PHE B 112 1.16 8.62 1.17
CA PHE B 112 2.22 8.24 2.09
C PHE B 112 1.93 6.88 2.71
N TYR B 113 0.70 6.68 3.21
CA TYR B 113 0.36 5.41 3.86
C TYR B 113 0.42 4.23 2.90
N GLY B 114 0.13 4.48 1.62
CA GLY B 114 0.21 3.44 0.62
C GLY B 114 1.63 2.95 0.47
N PHE B 115 2.57 3.86 0.51
CA PHE B 115 3.97 3.50 0.41
C PHE B 115 4.47 2.81 1.69
N GLN B 116 3.96 3.24 2.83
CA GLN B 116 4.29 2.62 4.09
C GLN B 116 3.85 1.15 4.13
N ILE B 117 2.70 0.84 3.55
CA ILE B 117 2.21 -0.53 3.49
C ILE B 117 3.15 -1.38 2.65
N LEU B 118 3.51 -0.85 1.49
CA LEU B 118 4.41 -1.55 0.61
C LEU B 118 5.75 -1.83 1.31
N ILE B 119 6.34 -0.82 1.94
CA ILE B 119 7.68 -0.95 2.45
C ILE B 119 7.70 -1.91 3.65
N GLU B 120 6.62 -1.92 4.45
CA GLU B 120 6.53 -2.87 5.57
C GLU B 120 6.51 -4.33 5.11
N ASN B 121 5.94 -4.59 3.93
CA ASN B 121 6.05 -5.90 3.32
C ASN B 121 7.46 -6.23 2.84
N VAL B 122 8.20 -5.23 2.39
CA VAL B 122 9.61 -5.41 2.09
C VAL B 122 10.38 -5.75 3.39
N HIS B 123 10.04 -5.10 4.50
CA HIS B 123 10.71 -5.41 5.76
C HIS B 123 10.51 -6.86 6.17
N SER B 124 9.29 -7.38 6.02
CA SER B 124 8.99 -8.77 6.40
C SER B 124 9.75 -9.75 5.54
N GLU B 125 9.79 -9.48 4.25
CA GLU B 125 10.55 -10.31 3.35
C GLU B 125 12.05 -10.29 3.74
N MSE B 126 12.56 -9.11 4.06
CA MSE B 126 13.99 -8.98 4.42
C MSE B 126 14.32 -9.83 5.65
O MSE B 126 15.31 -10.56 5.66
CB MSE B 126 14.35 -7.53 4.72
CG MSE B 126 15.82 -7.22 4.84
SE MSE B 126 16.76 -7.53 3.19
CE MSE B 126 17.65 -9.16 3.71
N TYR B 127 13.48 -9.74 6.68
CA TYR B 127 13.72 -10.50 7.92
C TYR B 127 13.67 -12.00 7.66
N SER B 128 12.71 -12.44 6.86
CA SER B 128 12.60 -13.84 6.50
C SER B 128 13.85 -14.33 5.77
N LEU B 129 14.36 -13.51 4.85
CA LEU B 129 15.58 -13.85 4.12
C LEU B 129 16.78 -13.93 5.06
N LEU B 130 16.86 -12.99 5.98
CA LEU B 130 17.95 -13.02 6.96
C LEU B 130 17.90 -14.31 7.79
N ILE B 131 16.73 -14.64 8.34
CA ILE B 131 16.58 -15.83 9.18
C ILE B 131 16.95 -17.10 8.39
N ASP B 132 16.50 -17.19 7.15
CA ASP B 132 16.83 -18.32 6.28
C ASP B 132 18.32 -18.43 5.97
N THR B 133 19.03 -17.32 5.93
CA THR B 133 20.46 -17.33 5.66
C THR B 133 21.26 -17.80 6.87
N TYR B 134 20.86 -17.39 8.07
CA TYR B 134 21.65 -17.70 9.28
C TYR B 134 21.24 -18.97 10.01
N ILE B 135 19.99 -19.38 9.87
CA ILE B 135 19.48 -20.56 10.53
C ILE B 135 18.95 -21.48 9.42
N ARG B 136 19.80 -22.36 8.93
CA ARG B 136 19.48 -23.21 7.76
C ARG B 136 18.58 -24.39 8.09
N ASP B 137 18.72 -24.94 9.28
CA ASP B 137 17.90 -26.08 9.66
C ASP B 137 16.44 -25.67 9.88
N PRO B 138 15.51 -26.16 9.05
CA PRO B 138 14.11 -25.76 9.21
C PRO B 138 13.44 -26.24 10.51
N LYS B 139 13.92 -27.36 11.05
CA LYS B 139 13.51 -27.77 12.39
C LYS B 139 13.87 -26.72 13.44
N LYS B 140 15.08 -26.19 13.39
CA LYS B 140 15.51 -25.18 14.36
C LYS B 140 14.75 -23.86 14.20
N ARG B 141 14.46 -23.47 12.95
CA ARG B 141 13.65 -22.28 12.67
C ARG B 141 12.26 -22.43 13.26
N GLU B 142 11.66 -23.61 13.07
CA GLU B 142 10.31 -23.88 13.58
C GLU B 142 10.29 -23.84 15.09
N PHE B 143 11.33 -24.38 15.73
CA PHE B 143 11.41 -24.32 17.16
CA PHE B 143 11.44 -24.33 17.19
C PHE B 143 11.43 -22.87 17.66
N LEU B 144 12.28 -22.05 17.04
CA LEU B 144 12.49 -20.68 17.42
C LEU B 144 11.26 -19.81 17.28
N PHE B 145 10.51 -19.99 16.19
CA PHE B 145 9.32 -19.20 15.92
C PHE B 145 8.19 -19.56 16.87
N ASN B 146 8.15 -20.84 17.22
CA ASN B 146 7.05 -21.38 17.98
C ASN B 146 7.21 -20.92 19.45
N ALA B 147 8.44 -20.98 19.98
CA ALA B 147 8.80 -20.37 21.27
C ALA B 147 8.51 -18.86 21.36
N ILE B 148 8.99 -18.13 20.36
CA ILE B 148 8.97 -16.66 20.39
C ILE B 148 7.54 -16.10 20.49
N GLU B 149 6.59 -16.79 19.90
CA GLU B 149 5.19 -16.37 19.87
C GLU B 149 4.62 -16.38 21.28
N THR B 150 5.20 -17.19 22.15
CA THR B 150 4.74 -17.32 23.52
C THR B 150 5.38 -16.31 24.47
N MSE B 151 6.32 -15.49 23.98
CA MSE B 151 7.09 -14.60 24.88
C MSE B 151 6.35 -13.32 25.36
O MSE B 151 5.38 -12.85 24.71
CB MSE B 151 8.44 -14.25 24.26
CG MSE B 151 9.33 -15.50 24.09
SE MSE B 151 9.95 -16.21 25.79
CE MSE B 151 9.81 -18.16 25.47
N PRO B 152 6.75 -12.77 26.53
CA PRO B 152 6.12 -11.60 27.12
C PRO B 152 6.19 -10.32 26.28
N TYR B 153 7.28 -10.10 25.57
CA TYR B 153 7.40 -8.92 24.73
C TYR B 153 6.33 -8.82 23.65
N VAL B 154 5.99 -9.94 23.01
CA VAL B 154 4.87 -10.03 22.07
C VAL B 154 3.54 -9.74 22.78
N LYS B 155 3.28 -10.46 23.85
CA LYS B 155 2.03 -10.25 24.61
C LYS B 155 1.90 -8.79 25.12
N LYS B 156 2.97 -8.26 25.71
CA LYS B 156 2.96 -6.90 26.24
C LYS B 156 2.73 -5.83 25.15
N LYS B 157 3.29 -6.01 23.96
CA LYS B 157 3.02 -5.06 22.86
C LYS B 157 1.57 -5.15 22.41
N ALA B 158 1.01 -6.36 22.36
CA ALA B 158 -0.40 -6.54 21.96
C ALA B 158 -1.35 -5.90 22.96
N ASP B 159 -1.08 -6.08 24.25
CA ASP B 159 -1.96 -5.52 25.30
C ASP B 159 -1.91 -3.99 25.32
N TRP B 160 -0.72 -3.45 25.12
CA TRP B 160 -0.54 -2.03 24.95
C TRP B 160 -1.36 -1.50 23.79
N ALA B 161 -1.31 -2.18 22.65
CA ALA B 161 -2.07 -1.77 21.46
C ALA B 161 -3.58 -1.93 21.68
N LEU B 162 -3.98 -3.02 22.33
CA LEU B 162 -5.39 -3.22 22.66
C LEU B 162 -5.89 -2.05 23.51
N ARG B 163 -5.07 -1.67 24.48
CA ARG B 163 -5.42 -0.65 25.46
C ARG B 163 -5.45 0.76 24.86
N TRP B 164 -4.44 1.13 24.08
CA TRP B 164 -4.33 2.48 23.52
C TRP B 164 -4.83 2.73 22.12
N ILE B 165 -4.92 1.70 21.27
CA ILE B 165 -5.45 1.84 19.90
C ILE B 165 -6.84 1.23 19.73
N ALA B 166 -6.97 -0.05 20.06
CA ALA B 166 -8.20 -0.82 19.81
C ALA B 166 -9.35 -0.45 20.75
N ASP B 167 -9.04 0.17 21.89
CA ASP B 167 -10.07 0.54 22.87
C ASP B 167 -11.15 1.39 22.21
N ARG B 168 -12.41 1.13 22.54
CA ARG B 168 -13.51 1.90 21.98
C ARG B 168 -13.38 3.37 22.38
N LYS B 169 -12.86 3.63 23.58
CA LYS B 169 -12.68 5.01 24.05
C LYS B 169 -11.45 5.72 23.44
N SER B 170 -10.66 5.05 22.61
CA SER B 170 -9.48 5.70 22.02
C SER B 170 -9.91 6.78 21.04
N THR B 171 -9.35 7.99 21.18
CA THR B 171 -9.53 9.09 20.24
C THR B 171 -8.50 9.02 19.12
N PHE B 172 -8.77 9.73 18.03
CA PHE B 172 -7.85 9.79 16.90
C PHE B 172 -6.47 10.30 17.35
N GLY B 173 -6.47 11.36 18.15
CA GLY B 173 -5.23 11.95 18.66
C GLY B 173 -4.39 10.96 19.45
N GLU B 174 -5.04 10.19 20.31
CA GLU B 174 -4.36 9.16 21.07
C GLU B 174 -3.75 8.11 20.14
N ARG B 175 -4.52 7.72 19.12
CA ARG B 175 -4.05 6.69 18.18
C ARG B 175 -2.86 7.17 17.34
N VAL B 176 -2.82 8.47 17.04
CA VAL B 176 -1.65 9.04 16.33
C VAL B 176 -0.39 8.96 17.19
N VAL B 177 -0.51 9.31 18.46
CA VAL B 177 0.61 9.17 19.41
C VAL B 177 1.05 7.70 19.52
N ALA B 178 0.08 6.80 19.67
CA ALA B 178 0.37 5.35 19.72
C ALA B 178 1.13 4.88 18.47
N PHE B 179 0.71 5.33 17.30
CA PHE B 179 1.34 4.94 16.04
C PHE B 179 2.77 5.47 16.00
N ALA B 180 2.95 6.72 16.42
CA ALA B 180 4.30 7.28 16.57
C ALA B 180 5.22 6.44 17.49
N ALA B 181 4.67 5.97 18.60
CA ALA B 181 5.42 5.12 19.53
C ALA B 181 5.75 3.74 18.92
N VAL B 182 4.80 3.19 18.16
CA VAL B 182 5.01 1.93 17.48
C VAL B 182 6.19 2.04 16.53
N GLU B 183 6.24 3.16 15.81
CA GLU B 183 7.30 3.35 14.82
C GLU B 183 8.63 3.77 15.46
N GLY B 184 8.57 4.51 16.57
CA GLY B 184 9.73 5.21 17.12
C GLY B 184 10.26 4.77 18.47
N VAL B 185 9.46 4.08 19.26
CA VAL B 185 9.95 3.54 20.54
C VAL B 185 10.12 2.01 20.48
N PHE B 186 9.10 1.30 20.02
CA PHE B 186 9.21 -0.14 19.90
C PHE B 186 10.28 -0.49 18.86
N PHE B 187 11.14 -1.44 19.21
CA PHE B 187 12.27 -1.85 18.41
C PHE B 187 13.42 -0.82 18.35
N SER B 188 13.30 0.34 18.98
CA SER B 188 14.38 1.31 18.98
C SER B 188 15.67 0.67 19.53
N GLY B 189 15.53 -0.10 20.59
CA GLY B 189 16.67 -0.77 21.19
C GLY B 189 17.26 -1.88 20.33
N SER B 190 16.42 -2.59 19.60
CA SER B 190 16.90 -3.64 18.71
C SER B 190 17.69 -3.07 17.52
N PHE B 191 17.22 -1.96 16.96
CA PHE B 191 17.95 -1.31 15.90
C PHE B 191 19.33 -0.92 16.42
N ALA B 192 19.36 -0.36 17.64
CA ALA B 192 20.61 0.08 18.27
C ALA B 192 21.57 -1.09 18.51
N ALA B 193 21.03 -2.21 18.98
CA ALA B 193 21.85 -3.43 19.16
C ALA B 193 22.50 -3.85 17.84
N ILE B 194 21.76 -3.79 16.74
CA ILE B 194 22.34 -4.16 15.45
C ILE B 194 23.37 -3.13 14.97
N PHE B 195 23.15 -1.84 15.26
CA PHE B 195 24.19 -0.85 15.02
C PHE B 195 25.45 -1.12 15.87
N TRP B 196 25.29 -1.75 17.02
CA TRP B 196 26.44 -2.16 17.85
C TRP B 196 27.26 -3.21 17.16
N LEU B 197 26.61 -4.17 16.52
CA LEU B 197 27.29 -5.15 15.67
C LEU B 197 28.02 -4.49 14.50
N LYS B 198 27.46 -3.41 13.95
CA LYS B 198 28.13 -2.67 12.89
C LYS B 198 29.41 -2.01 13.39
N LYS B 199 29.36 -1.40 14.57
CA LYS B 199 30.55 -0.84 15.18
C LYS B 199 31.65 -1.90 15.34
N ARG B 200 31.26 -3.13 15.62
CA ARG B 200 32.20 -4.24 15.76
C ARG B 200 32.60 -4.86 14.42
N GLY B 201 32.02 -4.39 13.32
CA GLY B 201 32.42 -4.82 11.98
C GLY B 201 31.87 -6.16 11.56
N LEU B 202 30.74 -6.56 12.14
CA LEU B 202 30.15 -7.86 11.88
C LEU B 202 28.91 -7.77 10.98
N MSE B 203 28.80 -8.71 10.05
CA MSE B 203 27.59 -9.01 9.29
C MSE B 203 26.99 -7.88 8.47
O MSE B 203 25.96 -7.32 8.81
CB MSE B 203 26.60 -9.66 10.23
CG MSE B 203 27.18 -10.96 10.62
SE MSE B 203 26.11 -11.93 11.72
CE MSE B 203 25.39 -10.50 12.76
N PRO B 204 27.68 -7.55 7.35
CA PRO B 204 27.35 -6.36 6.57
C PRO B 204 25.94 -6.39 6.00
N GLY B 205 25.44 -7.56 5.65
CA GLY B 205 24.08 -7.69 5.13
C GLY B 205 23.02 -7.36 6.17
N LEU B 206 23.13 -8.00 7.33
CA LEU B 206 22.29 -7.69 8.47
C LEU B 206 22.35 -6.21 8.85
N THR B 207 23.54 -5.63 8.89
CA THR B 207 23.65 -4.27 9.39
C THR B 207 23.20 -3.25 8.35
N PHE B 208 23.47 -3.51 7.08
CA PHE B 208 22.98 -2.64 6.03
C PHE B 208 21.45 -2.68 5.95
N SER B 209 20.86 -3.87 6.01
CA SER B 209 19.40 -3.93 5.98
C SER B 209 18.79 -3.21 7.18
N ASN B 210 19.43 -3.33 8.35
CA ASN B 210 19.02 -2.63 9.58
C ASN B 210 19.03 -1.12 9.38
N GLU B 211 20.06 -0.60 8.68
CA GLU B 211 20.14 0.81 8.35
C GLU B 211 18.95 1.27 7.53
N LEU B 212 18.57 0.50 6.52
CA LEU B 212 17.46 0.88 5.65
C LEU B 212 16.14 0.78 6.40
N ILE B 213 15.95 -0.30 7.15
CA ILE B 213 14.70 -0.50 7.91
C ILE B 213 14.52 0.57 8.99
N SER B 214 15.58 0.83 9.75
CA SER B 214 15.57 1.86 10.77
C SER B 214 15.28 3.27 10.24
N ARG B 215 15.93 3.61 9.14
CA ARG B 215 15.61 4.85 8.43
C ARG B 215 14.14 4.90 8.05
N ASP B 216 13.59 3.84 7.47
CA ASP B 216 12.17 3.83 7.05
C ASP B 216 11.27 4.06 8.26
N GLU B 217 11.53 3.34 9.35
CA GLU B 217 10.70 3.48 10.55
C GLU B 217 10.80 4.89 11.12
N GLY B 218 11.99 5.49 11.04
CA GLY B 218 12.20 6.87 11.46
C GLY B 218 11.34 7.84 10.63
N LEU B 219 11.24 7.59 9.32
CA LEU B 219 10.41 8.38 8.45
C LEU B 219 8.93 8.20 8.79
N HIS B 220 8.51 6.96 9.05
CA HIS B 220 7.12 6.69 9.44
C HIS B 220 6.77 7.40 10.72
N CYS B 221 7.70 7.41 11.67
CA CYS B 221 7.51 8.09 12.95
C CYS B 221 7.41 9.59 12.77
N ASP B 222 8.28 10.16 11.94
CA ASP B 222 8.22 11.59 11.62
C ASP B 222 6.90 11.98 10.99
N PHE B 223 6.37 11.10 10.16
CA PHE B 223 5.08 11.34 9.53
C PHE B 223 3.96 11.36 10.57
N ALA B 224 3.99 10.45 11.53
CA ALA B 224 3.01 10.47 12.63
C ALA B 224 3.05 11.78 13.40
N CYS B 225 4.26 12.27 13.68
CA CYS B 225 4.41 13.54 14.39
C CYS B 225 3.93 14.70 13.52
N LEU B 226 4.06 14.60 12.20
CA LEU B 226 3.53 15.64 11.33
C LEU B 226 2.00 15.61 11.35
N MSE B 227 1.39 14.42 11.29
CA MSE B 227 -0.07 14.31 11.41
C MSE B 227 -0.53 14.94 12.71
O MSE B 227 -1.50 15.69 12.73
CB MSE B 227 -0.55 12.86 11.36
CG MSE B 227 -0.33 12.10 10.04
SE MSE B 227 -1.21 12.90 8.51
CE MSE B 227 0.11 14.28 8.15
N PHE B 228 0.17 14.64 13.80
CA PHE B 228 -0.20 15.19 15.12
C PHE B 228 -0.31 16.73 15.11
N GLN B 229 0.59 17.38 14.38
CA GLN B 229 0.61 18.84 14.32
C GLN B 229 -0.65 19.41 13.69
N TYR B 230 -1.34 18.63 12.85
CA TYR B 230 -2.59 19.06 12.19
C TYR B 230 -3.87 18.80 13.01
N LEU B 231 -3.75 18.29 14.22
CA LEU B 231 -4.94 18.02 15.06
C LEU B 231 -5.53 19.25 15.79
N VAL B 232 -6.84 19.39 15.70
CA VAL B 232 -7.57 20.37 16.50
C VAL B 232 -7.67 19.85 17.92
N ASN B 233 -7.96 18.56 18.06
CA ASN B 233 -8.10 17.93 19.38
C ASN B 233 -6.97 16.98 19.70
N LYS B 234 -6.01 17.50 20.47
CA LYS B 234 -4.84 16.76 20.87
C LYS B 234 -5.11 16.15 22.24
N PRO B 235 -4.56 14.98 22.50
CA PRO B 235 -4.63 14.49 23.88
C PRO B 235 -3.73 15.33 24.79
N SER B 236 -4.04 15.35 26.09
CA SER B 236 -3.25 16.11 27.06
C SER B 236 -1.82 15.57 27.16
N GLU B 237 -0.91 16.42 27.65
CA GLU B 237 0.47 16.00 27.89
C GLU B 237 0.57 14.79 28.80
N GLU B 238 -0.29 14.75 29.81
CA GLU B 238 -0.37 13.64 30.77
CA GLU B 238 -0.27 13.62 30.74
C GLU B 238 -0.66 12.32 30.03
N ARG B 239 -1.69 12.36 29.19
CA ARG B 239 -2.10 11.18 28.44
C ARG B 239 -1.02 10.72 27.44
N VAL B 240 -0.41 11.68 26.75
CA VAL B 240 0.65 11.37 25.78
C VAL B 240 1.79 10.67 26.52
N ARG B 241 2.20 11.21 27.66
CA ARG B 241 3.22 10.58 28.51
C ARG B 241 2.87 9.15 28.90
N GLU B 242 1.65 8.93 29.35
CA GLU B 242 1.20 7.57 29.71
C GLU B 242 1.48 6.60 28.60
N ILE B 243 1.06 6.96 27.38
CA ILE B 243 1.23 6.07 26.22
C ILE B 243 2.69 5.77 25.93
N ILE B 244 3.53 6.80 25.92
CA ILE B 244 4.92 6.61 25.54
C ILE B 244 5.75 5.94 26.65
N VAL B 245 5.55 6.39 27.89
CA VAL B 245 6.20 5.83 29.06
C VAL B 245 5.91 4.34 29.20
N ASP B 246 4.67 3.95 28.94
CA ASP B 246 4.31 2.54 28.96
C ASP B 246 5.11 1.77 27.89
N ALA B 247 5.25 2.35 26.71
CA ALA B 247 6.03 1.73 25.64
C ALA B 247 7.50 1.59 26.04
N VAL B 248 8.05 2.62 26.68
CA VAL B 248 9.42 2.62 27.14
C VAL B 248 9.66 1.47 28.12
N LYS B 249 8.75 1.28 29.08
CA LYS B 249 8.93 0.21 30.08
C LYS B 249 8.96 -1.16 29.43
N ILE B 250 8.06 -1.39 28.49
CA ILE B 250 8.01 -2.67 27.78
C ILE B 250 9.33 -2.94 27.03
N GLU B 251 9.81 -1.94 26.31
CA GLU B 251 11.05 -2.08 25.53
C GLU B 251 12.29 -2.25 26.42
N GLN B 252 12.33 -1.50 27.51
CA GLN B 252 13.42 -1.59 28.50
C GLN B 252 13.47 -2.98 29.12
N GLU B 253 12.32 -3.48 29.55
CA GLU B 253 12.23 -4.82 30.16
C GLU B 253 12.76 -5.89 29.19
N PHE B 254 12.39 -5.76 27.92
CA PHE B 254 12.77 -6.75 26.92
C PHE B 254 14.29 -6.83 26.75
N LEU B 255 14.92 -5.68 26.52
CA LEU B 255 16.35 -5.65 26.21
C LEU B 255 17.27 -5.59 27.45
N THR B 256 16.71 -5.42 28.65
CA THR B 256 17.53 -5.45 29.89
C THR B 256 17.26 -6.66 30.77
N GLU B 257 16.11 -7.34 30.60
CA GLU B 257 15.75 -8.47 31.48
C GLU B 257 15.46 -9.74 30.69
N ALA B 258 14.50 -9.70 29.77
CA ALA B 258 14.12 -10.90 29.02
C ALA B 258 15.24 -11.38 28.08
N LEU B 259 15.76 -10.48 27.25
CA LEU B 259 16.81 -10.81 26.29
C LEU B 259 17.94 -9.78 26.41
N PRO B 260 18.77 -9.91 27.45
CA PRO B 260 19.69 -8.85 27.85
C PRO B 260 20.76 -8.54 26.81
N VAL B 261 20.98 -7.26 26.55
CA VAL B 261 22.00 -6.81 25.60
C VAL B 261 23.45 -7.14 26.02
N GLY B 262 23.67 -7.48 27.28
CA GLY B 262 24.95 -8.03 27.73
C GLY B 262 25.37 -9.27 26.94
N LEU B 263 24.40 -10.01 26.40
CA LEU B 263 24.68 -11.17 25.54
C LEU B 263 25.50 -10.82 24.30
N ILE B 264 25.43 -9.59 23.83
CA ILE B 264 26.29 -9.14 22.72
C ILE B 264 27.31 -8.09 23.15
N GLY B 265 27.57 -8.04 24.46
CA GLY B 265 28.63 -7.18 25.03
C GLY B 265 28.28 -5.71 25.22
N MSE B 266 26.98 -5.38 25.36
CA MSE B 266 26.56 -4.01 25.65
C MSE B 266 26.20 -3.88 27.12
O MSE B 266 25.93 -4.86 27.79
CB MSE B 266 25.31 -3.62 24.86
CG MSE B 266 25.50 -3.57 23.36
SE MSE B 266 23.84 -3.09 22.42
CE MSE B 266 23.84 -1.16 22.70
N ASN B 267 26.17 -2.65 27.60
CA ASN B 267 25.81 -2.34 28.97
C ASN B 267 24.30 -2.05 29.10
N CYS B 268 23.62 -2.82 29.96
CA CYS B 268 22.15 -2.71 30.14
C CYS B 268 21.67 -1.35 30.68
N ILE B 269 22.45 -0.76 31.58
CA ILE B 269 22.08 0.54 32.14
C ILE B 269 22.09 1.62 31.04
N LEU B 270 23.12 1.61 30.19
CA LEU B 270 23.19 2.55 29.06
C LEU B 270 22.08 2.30 28.04
N MSE B 271 21.69 1.03 27.85
CA MSE B 271 20.58 0.74 26.94
C MSE B 271 19.26 1.34 27.44
O MSE B 271 18.51 1.88 26.63
CB MSE B 271 20.42 -0.76 26.70
CG MSE B 271 19.28 -1.13 25.71
SE MSE B 271 19.30 -0.26 23.94
CE MSE B 271 20.26 -1.67 23.01
N LYS B 272 19.00 1.24 28.74
CA LYS B 272 17.83 1.87 29.34
C LYS B 272 17.85 3.38 29.12
N GLN B 273 19.03 3.96 29.34
CA GLN B 273 19.22 5.39 29.13
C GLN B 273 18.93 5.77 27.66
N TYR B 274 19.34 4.93 26.72
CA TYR B 274 19.10 5.19 25.30
C TYR B 274 17.61 5.18 24.99
N ILE B 275 16.90 4.18 25.48
CA ILE B 275 15.46 4.05 25.19
C ILE B 275 14.71 5.29 25.73
N GLU B 276 15.12 5.78 26.88
CA GLU B 276 14.58 7.02 27.43
C GLU B 276 14.96 8.25 26.62
N PHE B 277 16.17 8.26 26.07
CA PHE B 277 16.59 9.35 25.18
C PHE B 277 15.69 9.38 23.93
N VAL B 278 15.38 8.20 23.40
CA VAL B 278 14.52 8.08 22.23
C VAL B 278 13.09 8.53 22.54
N ALA B 279 12.58 8.20 23.72
CA ALA B 279 11.24 8.63 24.16
C ALA B 279 11.17 10.14 24.32
N ASP B 280 12.16 10.72 25.00
CA ASP B 280 12.27 12.18 25.14
C ASP B 280 12.20 12.85 23.79
N ARG B 281 12.99 12.35 22.85
CA ARG B 281 13.05 12.96 21.53
C ARG B 281 11.69 12.90 20.81
N LEU B 282 10.96 11.81 20.99
CA LEU B 282 9.61 11.70 20.47
C LEU B 282 8.67 12.74 21.13
N LEU B 283 8.74 12.88 22.45
CA LEU B 283 7.90 13.84 23.15
C LEU B 283 8.13 15.27 22.66
N VAL B 284 9.40 15.64 22.51
CA VAL B 284 9.77 16.97 22.00
C VAL B 284 9.27 17.14 20.56
N GLU B 285 9.40 16.10 19.74
CA GLU B 285 8.98 16.20 18.35
CA GLU B 285 8.97 16.15 18.34
C GLU B 285 7.44 16.31 18.23
N LEU B 286 6.72 15.80 19.24
CA LEU B 286 5.26 15.95 19.32
C LEU B 286 4.83 17.29 19.96
N GLY B 287 5.80 18.08 20.44
CA GLY B 287 5.53 19.41 20.99
C GLY B 287 5.44 19.47 22.51
N PHE B 288 5.89 18.44 23.19
CA PHE B 288 5.80 18.39 24.65
C PHE B 288 7.20 18.49 25.27
N SER B 289 7.27 18.51 26.59
CA SER B 289 8.56 18.57 27.26
C SER B 289 9.08 17.18 27.54
N LYS B 290 10.37 17.10 27.80
CA LYS B 290 11.04 15.85 28.12
C LYS B 290 10.59 15.40 29.49
N VAL B 291 10.55 14.10 29.71
CA VAL B 291 10.19 13.55 31.02
C VAL B 291 11.37 12.87 31.71
N PHE B 292 12.29 12.30 30.93
CA PHE B 292 13.42 11.53 31.47
C PHE B 292 14.71 12.33 31.60
N GLN B 293 14.92 13.28 30.69
CA GLN B 293 16.17 14.07 30.61
C GLN B 293 17.41 13.21 30.35
N ALA B 294 17.24 12.06 29.71
CA ALA B 294 18.36 11.17 29.45
C ALA B 294 19.18 11.68 28.25
N GLU B 295 20.50 11.77 28.42
CA GLU B 295 21.41 11.96 27.29
C GLU B 295 21.56 10.66 26.49
N ASN B 296 21.80 10.80 25.19
CA ASN B 296 22.19 9.66 24.34
C ASN B 296 23.55 9.14 24.78
N PRO B 297 23.62 7.88 25.25
CA PRO B 297 24.89 7.34 25.72
C PRO B 297 25.75 6.71 24.62
N PHE B 298 25.22 6.61 23.40
CA PHE B 298 25.88 5.87 22.34
C PHE B 298 26.41 6.78 21.24
N ASP B 299 27.74 6.90 21.17
CA ASP B 299 28.41 7.70 20.14
C ASP B 299 28.08 7.20 18.73
N PHE B 300 28.00 5.88 18.57
CA PHE B 300 27.64 5.27 17.29
C PHE B 300 26.18 5.50 16.84
N MSE B 301 25.32 6.03 17.71
CA MSE B 301 23.96 6.42 17.32
C MSE B 301 23.82 7.95 17.13
O MSE B 301 22.71 8.46 16.90
CB MSE B 301 22.93 5.98 18.37
CG MSE B 301 22.85 4.50 18.61
SE MSE B 301 22.32 3.48 17.11
CE MSE B 301 20.63 4.30 16.60
N GLU B 302 24.93 8.67 17.23
CA GLU B 302 24.94 10.14 17.24
C GLU B 302 24.45 10.73 15.91
S SO4 C . 22.01 -24.05 11.44
O1 SO4 C . 22.17 -24.01 12.92
O2 SO4 C . 22.82 -25.18 10.89
O3 SO4 C . 20.57 -24.25 11.14
O4 SO4 C . 22.51 -22.80 10.83
C1 EDO D . -12.67 8.37 17.59
O1 EDO D . -13.04 7.27 16.75
C2 EDO D . -12.33 9.62 16.77
O2 EDO D . -11.67 10.58 17.62
C1 EDO E . 12.94 -13.32 25.42
O1 EDO E . 11.64 -13.27 26.05
C2 EDO E . 13.09 -14.68 24.74
O2 EDO E . 14.29 -14.67 23.95
#